data_2PZZ
#
_entry.id   2PZZ
#
_cell.length_a   46.520
_cell.length_b   50.150
_cell.length_c   73.820
_cell.angle_alpha   70.34
_cell.angle_beta   72.61
_cell.angle_gamma   84.30
#
_symmetry.space_group_name_H-M   'P 1'
#
loop_
_entity.id
_entity.type
_entity.pdbx_description
1 polymer 'UPF0201 protein MJ1564'
2 water water
#
_entity_poly.entity_id   1
_entity_poly.type   'polypeptide(L)'
_entity_poly.pdbx_seq_one_letter_code
;SLEVIIKAKVKPTEDKYKVKKAILNIFPKAKLTFIEKDNEFGEWEGKTKSVEKLKELLRSQSILDAAR(MSE)VLEKG
(MSE)TENATKFYLNKQAAYVGAVNFDIDTHGGIFVKILADENEDI(MSE)KIIKDIAPRTKGGVIINEDELEEGHHHHH
H
;
_entity_poly.pdbx_strand_id   A,B,C,D
#
# COMPACT_ATOMS: atom_id res chain seq x y z
N LEU A 2 10.11 8.55 -2.78
CA LEU A 2 8.98 8.44 -1.81
C LEU A 2 9.45 8.68 -0.38
N GLU A 3 8.56 9.20 0.45
CA GLU A 3 8.89 9.45 1.85
C GLU A 3 7.63 9.42 2.70
N VAL A 4 7.68 8.68 3.79
CA VAL A 4 6.54 8.53 4.70
C VAL A 4 6.79 9.29 5.99
N ILE A 5 5.83 10.13 6.38
CA ILE A 5 5.97 10.89 7.62
C ILE A 5 5.02 10.22 8.62
N ILE A 6 5.49 9.97 9.85
CA ILE A 6 4.68 9.30 10.86
C ILE A 6 4.62 10.05 12.18
N LYS A 7 3.43 10.15 12.74
CA LYS A 7 3.22 10.81 14.04
C LYS A 7 2.19 9.99 14.81
N ALA A 8 2.44 9.77 16.09
CA ALA A 8 1.53 9.00 16.92
C ALA A 8 1.60 9.53 18.33
N LYS A 9 0.47 9.96 18.87
CA LYS A 9 0.45 10.48 20.23
C LYS A 9 0.54 9.29 21.18
N VAL A 10 1.05 9.56 22.38
CA VAL A 10 1.15 8.57 23.43
C VAL A 10 0.43 9.22 24.59
N LYS A 11 -0.74 8.69 24.92
CA LYS A 11 -1.52 9.23 26.03
C LYS A 11 -0.92 8.81 27.37
N PRO A 12 -1.22 9.59 28.43
CA PRO A 12 -0.73 9.32 29.79
C PRO A 12 -0.78 7.85 30.24
N THR A 13 -1.87 7.15 29.91
CA THR A 13 -2.02 5.76 30.35
C THR A 13 -1.47 4.76 29.33
N GLU A 14 -0.89 5.27 28.25
CA GLU A 14 -0.30 4.39 27.25
C GLU A 14 1.16 4.17 27.57
N ASP A 15 1.71 3.07 27.06
CA ASP A 15 3.12 2.77 27.25
C ASP A 15 3.77 3.20 25.95
N LYS A 16 4.62 4.21 25.99
CA LYS A 16 5.24 4.71 24.77
C LYS A 16 5.93 3.64 23.93
N TYR A 17 6.51 2.64 24.58
CA TYR A 17 7.21 1.59 23.84
C TYR A 17 6.24 0.69 23.08
N LYS A 18 5.04 0.56 23.61
CA LYS A 18 4.04 -0.25 22.93
C LYS A 18 3.53 0.52 21.72
N VAL A 19 3.48 1.85 21.81
CA VAL A 19 3.00 2.63 20.67
C VAL A 19 4.10 2.56 19.62
N LYS A 20 5.34 2.68 20.06
CA LYS A 20 6.48 2.62 19.14
C LYS A 20 6.52 1.28 18.39
N LYS A 21 6.18 0.20 19.08
CA LYS A 21 6.21 -1.11 18.42
C LYS A 21 5.05 -1.22 17.45
N ALA A 22 3.95 -0.53 17.74
CA ALA A 22 2.82 -0.60 16.84
C ALA A 22 3.24 0.07 15.54
N ILE A 23 4.01 1.14 15.64
CA ILE A 23 4.46 1.81 14.42
C ILE A 23 5.40 0.89 13.63
N LEU A 24 6.43 0.38 14.32
CA LEU A 24 7.42 -0.49 13.67
C LEU A 24 6.81 -1.73 13.05
N ASN A 25 5.71 -2.24 13.60
CA ASN A 25 5.07 -3.42 13.01
C ASN A 25 4.56 -3.13 11.62
N ILE A 26 4.29 -1.86 11.32
CA ILE A 26 3.80 -1.49 9.99
C ILE A 26 4.91 -0.83 9.15
N PHE A 27 5.79 -0.10 9.83
CA PHE A 27 6.89 0.61 9.18
C PHE A 27 8.19 0.26 9.89
N PRO A 28 8.70 -0.96 9.72
CA PRO A 28 9.93 -1.51 10.31
C PRO A 28 11.19 -0.65 10.20
N LYS A 29 11.34 0.06 9.08
CA LYS A 29 12.52 0.91 8.86
C LYS A 29 12.41 2.33 9.39
N ALA A 30 11.27 2.68 9.98
CA ALA A 30 11.10 4.04 10.47
C ALA A 30 12.09 4.47 11.54
N LYS A 31 12.59 5.70 11.43
CA LYS A 31 13.50 6.28 12.42
C LYS A 31 12.56 7.08 13.31
N LEU A 32 12.48 6.75 14.59
CA LEU A 32 11.55 7.43 15.48
C LEU A 32 12.16 8.25 16.60
N THR A 33 11.51 9.37 16.91
CA THR A 33 11.95 10.22 18.01
C THR A 33 10.71 10.52 18.89
N PHE A 34 10.91 10.52 20.19
CA PHE A 34 9.82 10.77 21.11
C PHE A 34 9.93 12.13 21.77
N ILE A 35 8.84 12.90 21.72
CA ILE A 35 8.83 14.20 22.35
C ILE A 35 7.73 14.28 23.39
N GLU A 36 8.06 14.88 24.52
CA GLU A 36 7.11 15.02 25.62
C GLU A 36 6.24 16.26 25.41
N LYS A 37 4.96 16.14 25.80
CA LYS A 37 4.03 17.26 25.67
C LYS A 37 3.53 17.68 27.06
N ASP A 38 2.24 17.96 27.18
CA ASP A 38 1.69 18.40 28.47
C ASP A 38 0.81 17.36 29.16
N ASN A 39 0.79 17.42 30.49
CA ASN A 39 0.00 16.52 31.32
C ASN A 39 0.28 15.04 31.04
N GLU A 40 1.55 14.69 30.96
CA GLU A 40 1.99 13.31 30.71
C GLU A 40 1.75 12.81 29.29
N PHE A 41 1.31 13.68 28.39
CA PHE A 41 1.11 13.28 27.00
C PHE A 41 2.48 13.33 26.30
N GLY A 42 2.60 12.58 25.21
CA GLY A 42 3.83 12.56 24.46
C GLY A 42 3.51 12.27 23.01
N GLU A 43 4.54 12.13 22.17
CA GLU A 43 4.32 11.86 20.76
C GLU A 43 5.56 11.31 20.07
N TRP A 44 5.35 10.33 19.18
CA TRP A 44 6.45 9.75 18.41
C TRP A 44 6.35 10.38 17.02
N GLU A 45 7.49 10.78 16.46
CA GLU A 45 7.53 11.31 15.10
C GLU A 45 8.68 10.61 14.40
N GLY A 46 8.53 10.32 13.11
CA GLY A 46 9.59 9.66 12.39
C GLY A 46 9.33 9.52 10.92
N LYS A 47 10.29 8.95 10.20
CA LYS A 47 10.14 8.78 8.77
C LYS A 47 10.78 7.51 8.26
N THR A 48 10.33 7.09 7.08
CA THR A 48 10.86 5.93 6.39
C THR A 48 10.59 6.16 4.92
N LYS A 49 11.37 5.51 4.06
CA LYS A 49 11.20 5.62 2.62
C LYS A 49 10.66 4.29 2.13
N SER A 50 10.37 3.38 3.06
CA SER A 50 9.87 2.08 2.68
C SER A 50 8.44 1.78 3.13
N VAL A 51 7.60 1.38 2.17
CA VAL A 51 6.21 1.00 2.43
C VAL A 51 6.07 -0.49 2.11
N GLU A 52 7.20 -1.17 2.03
CA GLU A 52 7.22 -2.60 1.71
C GLU A 52 6.36 -3.43 2.67
N LYS A 53 6.58 -3.26 3.97
CA LYS A 53 5.80 -4.00 4.95
C LYS A 53 4.32 -3.71 4.80
N LEU A 54 3.97 -2.42 4.68
CA LEU A 54 2.56 -2.03 4.53
C LEU A 54 1.94 -2.75 3.33
N LYS A 55 2.67 -2.78 2.22
CA LYS A 55 2.16 -3.44 1.01
C LYS A 55 1.89 -4.93 1.22
N GLU A 56 2.74 -5.57 1.99
CA GLU A 56 2.58 -7.00 2.27
C GLU A 56 1.31 -7.22 3.08
N LEU A 57 1.14 -6.43 4.14
CA LEU A 57 -0.01 -6.58 5.01
C LEU A 57 -1.33 -6.33 4.32
N LEU A 58 -1.38 -5.35 3.43
CA LEU A 58 -2.62 -5.09 2.71
C LEU A 58 -2.97 -6.33 1.85
N ARG A 59 -1.97 -6.93 1.22
CA ARG A 59 -2.22 -8.12 0.41
C ARG A 59 -2.59 -9.29 1.31
N SER A 60 -1.77 -9.53 2.33
CA SER A 60 -2.03 -10.62 3.30
C SER A 60 -3.43 -10.57 3.92
N GLN A 61 -3.85 -9.39 4.38
CA GLN A 61 -5.16 -9.25 5.00
C GLN A 61 -6.23 -9.15 3.94
N SER A 62 -5.79 -9.07 2.69
CA SER A 62 -6.72 -8.96 1.58
C SER A 62 -7.66 -7.74 1.73
N ILE A 63 -7.09 -6.58 2.03
CA ILE A 63 -7.88 -5.36 2.17
C ILE A 63 -7.42 -4.26 1.21
N LEU A 64 -6.97 -4.68 0.04
CA LEU A 64 -6.51 -3.74 -0.99
C LEU A 64 -7.60 -2.74 -1.39
N ASP A 65 -8.83 -3.23 -1.51
CA ASP A 65 -9.95 -2.41 -1.92
C ASP A 65 -10.19 -1.27 -0.96
N ALA A 66 -10.04 -1.54 0.33
CA ALA A 66 -10.26 -0.53 1.34
C ALA A 66 -9.11 0.47 1.32
N ALA A 67 -7.88 -0.03 1.25
CA ALA A 67 -6.70 0.82 1.23
C ALA A 67 -6.73 1.79 0.05
N ARG A 68 -7.09 1.28 -1.13
CA ARG A 68 -7.14 2.12 -2.32
C ARG A 68 -8.11 3.29 -2.13
N VAL A 70 -9.16 4.60 0.76
CA VAL A 70 -8.63 5.51 1.77
C VAL A 70 -7.49 6.40 1.25
N LEU A 71 -6.59 5.80 0.48
CA LEU A 71 -5.46 6.55 -0.07
C LEU A 71 -5.91 7.62 -1.08
N GLU A 72 -6.88 7.30 -1.93
CA GLU A 72 -7.35 8.28 -2.90
C GLU A 72 -8.08 9.41 -2.19
N LYS A 73 -8.86 9.06 -1.17
CA LYS A 73 -9.62 10.03 -0.40
C LYS A 73 -8.72 11.05 0.31
N GLY A 74 -7.53 10.63 0.72
CA GLY A 74 -6.61 11.53 1.41
C GLY A 74 -5.58 12.12 0.47
N THR A 76 -3.69 14.36 -2.42
CA THR A 76 -3.52 15.75 -2.84
C THR A 76 -2.56 15.67 -4.03
N GLU A 77 -2.03 16.80 -4.46
CA GLU A 77 -1.16 16.78 -5.63
C GLU A 77 0.06 15.87 -5.55
N ASN A 78 0.89 16.05 -4.51
CA ASN A 78 2.11 15.24 -4.38
C ASN A 78 2.12 14.33 -3.15
N ALA A 79 0.96 14.07 -2.58
CA ALA A 79 0.89 13.25 -1.38
C ALA A 79 -0.49 12.66 -1.10
N THR A 80 -0.57 11.92 0.00
CA THR A 80 -1.81 11.32 0.48
C THR A 80 -1.59 11.09 1.96
N LYS A 81 -2.67 11.04 2.73
CA LYS A 81 -2.55 10.83 4.16
C LYS A 81 -3.70 9.98 4.64
N PHE A 82 -3.54 9.40 5.83
CA PHE A 82 -4.57 8.54 6.41
C PHE A 82 -4.10 8.15 7.80
N TYR A 83 -4.98 7.51 8.54
CA TYR A 83 -4.68 7.08 9.89
C TYR A 83 -4.72 5.57 9.97
N LEU A 84 -4.01 5.01 10.95
CA LEU A 84 -3.99 3.57 11.16
C LEU A 84 -4.43 3.33 12.58
N ASN A 85 -5.21 2.28 12.79
CA ASN A 85 -5.67 1.97 14.13
C ASN A 85 -4.44 1.54 14.91
N LYS A 86 -4.23 2.16 16.06
CA LYS A 86 -3.08 1.88 16.90
C LYS A 86 -3.13 0.50 17.56
N GLN A 87 -4.35 0.04 17.88
CA GLN A 87 -4.52 -1.25 18.55
C GLN A 87 -4.38 -2.39 17.55
N ALA A 88 -4.91 -2.21 16.35
CA ALA A 88 -4.77 -3.21 15.32
C ALA A 88 -3.29 -3.31 14.96
N ALA A 89 -2.62 -2.16 14.89
CA ALA A 89 -1.22 -2.10 14.53
C ALA A 89 -0.36 -2.81 15.57
N TYR A 90 -0.78 -2.71 16.82
CA TYR A 90 -0.03 -3.35 17.90
C TYR A 90 0.09 -4.86 17.69
N VAL A 91 -0.98 -5.48 17.19
CA VAL A 91 -0.99 -6.92 16.92
C VAL A 91 -0.61 -7.25 15.48
N GLY A 92 0.07 -6.32 14.82
CA GLY A 92 0.52 -6.53 13.46
C GLY A 92 -0.51 -6.47 12.36
N ALA A 93 -1.64 -5.82 12.62
CA ALA A 93 -2.70 -5.72 11.61
C ALA A 93 -2.93 -4.29 11.13
N VAL A 94 -3.32 -4.15 9.86
CA VAL A 94 -3.59 -2.85 9.29
C VAL A 94 -5.09 -2.57 9.28
N ASN A 95 -5.47 -1.46 9.93
CA ASN A 95 -6.87 -1.04 10.00
C ASN A 95 -6.92 0.50 9.93
N PHE A 96 -7.78 1.02 9.06
CA PHE A 96 -7.89 2.45 8.82
C PHE A 96 -8.78 3.32 9.72
N ASP A 97 -9.42 2.74 10.72
CA ASP A 97 -10.25 3.52 11.62
C ASP A 97 -9.40 4.04 12.78
N ILE A 98 -9.57 5.31 13.16
CA ILE A 98 -8.79 5.85 14.27
C ILE A 98 -9.30 5.22 15.57
N ASP A 99 -8.40 4.63 16.35
CA ASP A 99 -8.79 4.01 17.61
C ASP A 99 -9.05 5.10 18.64
N THR A 100 -9.58 4.69 19.80
CA THR A 100 -9.89 5.62 20.89
C THR A 100 -8.67 6.43 21.29
N HIS A 101 -7.48 5.90 21.03
CA HIS A 101 -6.25 6.59 21.42
C HIS A 101 -5.53 7.44 20.36
N GLY A 102 -6.20 7.76 19.27
CA GLY A 102 -5.58 8.63 18.27
C GLY A 102 -5.11 8.07 16.96
N GLY A 103 -4.77 6.79 16.91
CA GLY A 103 -4.30 6.22 15.66
C GLY A 103 -2.92 6.73 15.30
N ILE A 104 -2.39 6.24 14.18
CA ILE A 104 -1.09 6.63 13.70
C ILE A 104 -1.36 7.45 12.45
N PHE A 105 -0.93 8.71 12.46
CA PHE A 105 -1.15 9.59 11.33
C PHE A 105 -0.04 9.36 10.31
N VAL A 106 -0.41 8.99 9.09
CA VAL A 106 0.56 8.69 8.03
C VAL A 106 0.46 9.54 6.77
N LYS A 107 1.60 10.10 6.37
CA LYS A 107 1.67 10.92 5.17
C LYS A 107 2.74 10.38 4.20
N ILE A 108 2.31 10.05 3.00
CA ILE A 108 3.22 9.54 1.99
C ILE A 108 3.47 10.65 0.98
N LEU A 109 4.72 11.10 0.89
CA LEU A 109 5.10 12.19 -0.02
C LEU A 109 5.86 11.68 -1.24
N ALA A 110 5.41 12.07 -2.42
CA ALA A 110 6.07 11.67 -3.67
C ALA A 110 7.14 12.73 -3.97
N ASP A 111 8.31 12.33 -4.46
CA ASP A 111 9.31 13.34 -4.77
C ASP A 111 9.00 13.93 -6.14
N GLU A 112 9.76 14.96 -6.51
CA GLU A 112 9.57 15.65 -7.79
C GLU A 112 9.56 14.74 -9.03
N ASN A 113 10.07 13.52 -8.92
CA ASN A 113 10.08 12.63 -10.08
C ASN A 113 9.11 11.48 -9.98
N GLU A 114 8.31 11.47 -8.91
CA GLU A 114 7.30 10.45 -8.68
C GLU A 114 5.89 11.01 -8.91
N ASP A 115 4.97 10.13 -9.31
CA ASP A 115 3.57 10.51 -9.52
C ASP A 115 2.84 9.88 -8.32
N ILE A 116 2.19 10.71 -7.51
CA ILE A 116 1.49 10.22 -6.32
C ILE A 116 0.43 9.15 -6.63
N LYS A 118 0.57 6.96 -9.01
CA LYS A 118 1.25 5.72 -9.35
C LYS A 118 1.70 5.04 -8.07
N ILE A 119 2.05 5.84 -7.07
CA ILE A 119 2.49 5.32 -5.79
C ILE A 119 1.32 4.54 -5.19
N ILE A 120 0.14 5.14 -5.27
CA ILE A 120 -1.07 4.55 -4.73
C ILE A 120 -1.49 3.28 -5.45
N LYS A 121 -1.40 3.28 -6.78
CA LYS A 121 -1.77 2.10 -7.55
C LYS A 121 -0.80 0.96 -7.22
N ASP A 122 0.44 1.34 -6.98
CA ASP A 122 1.50 0.40 -6.65
C ASP A 122 1.30 -0.20 -5.25
N ILE A 123 0.84 0.63 -4.31
CA ILE A 123 0.62 0.18 -2.94
C ILE A 123 -0.66 -0.63 -2.81
N ALA A 124 -1.77 -0.08 -3.31
CA ALA A 124 -3.07 -0.72 -3.24
C ALA A 124 -3.69 -0.80 -4.64
N PRO A 125 -3.30 -1.81 -5.42
CA PRO A 125 -3.80 -2.04 -6.79
C PRO A 125 -5.24 -2.52 -6.79
N ARG A 126 -5.99 -2.13 -7.81
CA ARG A 126 -7.37 -2.57 -7.94
C ARG A 126 -7.39 -4.09 -8.03
N THR A 127 -8.56 -4.69 -7.88
CA THR A 127 -8.69 -6.14 -7.97
C THR A 127 -10.03 -6.54 -8.58
N LYS A 128 -10.13 -7.81 -8.97
CA LYS A 128 -11.34 -8.39 -9.55
C LYS A 128 -11.39 -9.81 -9.01
N GLY A 129 -12.00 -9.96 -7.84
CA GLY A 129 -12.10 -11.28 -7.24
C GLY A 129 -10.98 -11.51 -6.24
N GLY A 130 -10.46 -10.40 -5.70
CA GLY A 130 -9.38 -10.50 -4.74
C GLY A 130 -8.03 -10.69 -5.39
N VAL A 131 -8.02 -10.71 -6.72
CA VAL A 131 -6.79 -10.88 -7.48
C VAL A 131 -6.39 -9.56 -8.14
N ILE A 132 -5.13 -9.16 -7.91
CA ILE A 132 -4.57 -7.91 -8.44
C ILE A 132 -4.67 -7.79 -9.97
N ILE A 133 -4.79 -6.56 -10.46
CA ILE A 133 -4.93 -6.29 -11.89
C ILE A 133 -3.65 -6.24 -12.73
N ASN A 134 -2.90 -5.15 -12.63
CA ASN A 134 -1.68 -5.01 -13.40
C ASN A 134 -0.54 -5.89 -12.85
N LEU B 2 23.14 18.40 -13.20
CA LEU B 2 22.24 17.68 -14.16
C LEU B 2 22.12 16.19 -13.83
N GLU B 3 20.90 15.66 -13.86
CA GLU B 3 20.71 14.23 -13.61
C GLU B 3 19.61 13.61 -14.45
N VAL B 4 19.85 12.37 -14.85
CA VAL B 4 18.89 11.64 -15.67
C VAL B 4 18.22 10.58 -14.81
N ILE B 5 16.89 10.55 -14.85
CA ILE B 5 16.14 9.57 -14.09
C ILE B 5 15.64 8.60 -15.14
N ILE B 6 15.88 7.32 -14.90
CA ILE B 6 15.49 6.29 -15.85
C ILE B 6 14.53 5.30 -15.23
N LYS B 7 13.52 4.90 -16.00
CA LYS B 7 12.55 3.92 -15.54
C LYS B 7 12.10 3.06 -16.72
N ALA B 8 12.16 1.76 -16.52
CA ALA B 8 11.77 0.82 -17.55
C ALA B 8 11.13 -0.38 -16.87
N LYS B 9 9.92 -0.71 -17.29
CA LYS B 9 9.22 -1.85 -16.71
C LYS B 9 9.67 -3.18 -17.35
N VAL B 10 9.65 -4.24 -16.55
CA VAL B 10 10.02 -5.58 -17.03
C VAL B 10 8.77 -6.43 -16.87
N LYS B 11 8.07 -6.71 -17.97
CA LYS B 11 6.88 -7.53 -17.88
C LYS B 11 7.27 -8.97 -17.52
N PRO B 12 6.30 -9.77 -17.05
CA PRO B 12 6.55 -11.17 -16.66
C PRO B 12 7.31 -12.00 -17.72
N THR B 13 6.93 -11.88 -18.98
CA THR B 13 7.60 -12.65 -20.02
C THR B 13 8.92 -12.03 -20.47
N GLU B 14 9.31 -10.91 -19.87
CA GLU B 14 10.55 -10.23 -20.22
C GLU B 14 11.70 -10.67 -19.35
N ASP B 15 12.92 -10.48 -19.85
CA ASP B 15 14.15 -10.83 -19.14
C ASP B 15 14.69 -9.55 -18.50
N LYS B 16 14.70 -9.48 -17.17
CA LYS B 16 15.16 -8.26 -16.51
C LYS B 16 16.53 -7.80 -17.00
N TYR B 17 17.41 -8.74 -17.28
CA TYR B 17 18.74 -8.39 -17.74
C TYR B 17 18.78 -7.85 -19.16
N LYS B 18 17.87 -8.32 -20.01
CA LYS B 18 17.84 -7.81 -21.37
C LYS B 18 17.36 -6.37 -21.35
N VAL B 19 16.37 -6.08 -20.50
CA VAL B 19 15.89 -4.70 -20.41
C VAL B 19 17.05 -3.87 -19.88
N LYS B 20 17.74 -4.40 -18.86
CA LYS B 20 18.85 -3.70 -18.28
C LYS B 20 19.92 -3.32 -19.32
N LYS B 21 20.24 -4.25 -20.21
CA LYS B 21 21.24 -4.01 -21.24
C LYS B 21 20.74 -2.96 -22.22
N ALA B 22 19.43 -2.91 -22.40
CA ALA B 22 18.84 -1.93 -23.28
C ALA B 22 19.15 -0.56 -22.67
N ILE B 23 18.97 -0.45 -21.35
CA ILE B 23 19.23 0.78 -20.62
C ILE B 23 20.69 1.23 -20.75
N LEU B 24 21.59 0.37 -20.29
CA LEU B 24 23.02 0.65 -20.30
C LEU B 24 23.60 0.96 -21.68
N ASN B 25 22.99 0.44 -22.75
CA ASN B 25 23.47 0.74 -24.10
C ASN B 25 23.34 2.24 -24.39
N ILE B 26 22.40 2.89 -23.72
CA ILE B 26 22.17 4.32 -23.92
C ILE B 26 22.82 5.08 -22.77
N PHE B 27 22.70 4.53 -21.57
CA PHE B 27 23.25 5.14 -20.36
C PHE B 27 24.13 4.13 -19.61
N PRO B 28 25.36 3.89 -20.14
CA PRO B 28 26.35 2.97 -19.58
C PRO B 28 26.74 3.16 -18.13
N LYS B 29 26.66 4.40 -17.64
CA LYS B 29 27.04 4.71 -16.26
C LYS B 29 25.89 4.75 -15.27
N ALA B 30 24.68 4.45 -15.74
CA ALA B 30 23.53 4.50 -14.84
C ALA B 30 23.64 3.50 -13.72
N LYS B 31 23.24 3.92 -12.52
CA LYS B 31 23.23 3.03 -11.36
C LYS B 31 21.79 2.56 -11.34
N LEU B 32 21.58 1.25 -11.51
CA LEU B 32 20.23 0.71 -11.55
C LEU B 32 19.87 -0.13 -10.35
N THR B 33 18.57 -0.16 -10.06
CA THR B 33 18.03 -0.93 -8.96
C THR B 33 16.75 -1.57 -9.47
N PHE B 34 16.58 -2.87 -9.21
CA PHE B 34 15.41 -3.59 -9.67
C PHE B 34 14.33 -3.67 -8.60
N ILE B 35 13.13 -3.21 -8.94
CA ILE B 35 12.03 -3.26 -7.98
C ILE B 35 10.98 -4.25 -8.42
N GLU B 36 10.77 -5.27 -7.59
CA GLU B 36 9.79 -6.30 -7.88
C GLU B 36 8.37 -5.83 -7.58
N LYS B 37 7.43 -6.21 -8.43
CA LYS B 37 6.04 -5.84 -8.24
C LYS B 37 5.13 -7.06 -8.24
N ASP B 38 3.81 -6.83 -8.27
CA ASP B 38 2.84 -7.93 -8.25
C ASP B 38 2.75 -8.66 -9.59
N ASN B 39 2.15 -9.85 -9.53
CA ASN B 39 1.94 -10.69 -10.71
C ASN B 39 3.17 -10.87 -11.59
N GLU B 40 4.34 -10.91 -10.97
CA GLU B 40 5.61 -11.10 -11.67
C GLU B 40 6.14 -9.88 -12.41
N PHE B 41 5.40 -8.78 -12.40
CA PHE B 41 5.89 -7.58 -13.07
C PHE B 41 7.06 -7.03 -12.26
N GLY B 42 7.93 -6.28 -12.91
CA GLY B 42 9.08 -5.72 -12.22
C GLY B 42 9.45 -4.41 -12.88
N GLU B 43 10.42 -3.71 -12.32
CA GLU B 43 10.80 -2.45 -12.93
C GLU B 43 12.19 -2.00 -12.57
N TRP B 44 12.88 -1.44 -13.55
CA TRP B 44 14.21 -0.92 -13.32
C TRP B 44 14.08 0.59 -13.10
N GLU B 45 14.79 1.10 -12.11
CA GLU B 45 14.82 2.52 -11.84
C GLU B 45 16.30 2.84 -11.75
N GLY B 46 16.71 3.96 -12.34
CA GLY B 46 18.10 4.31 -12.27
C GLY B 46 18.38 5.77 -12.56
N LYS B 47 19.61 6.16 -12.29
CA LYS B 47 20.04 7.53 -12.51
C LYS B 47 21.49 7.58 -12.96
N THR B 48 21.81 8.64 -13.69
CA THR B 48 23.17 8.88 -14.15
C THR B 48 23.35 10.38 -14.30
N LYS B 49 24.58 10.84 -14.17
CA LYS B 49 24.91 12.24 -14.29
C LYS B 49 25.49 12.51 -15.68
N SER B 50 25.57 11.46 -16.49
CA SER B 50 26.15 11.57 -17.83
C SER B 50 25.25 11.19 -18.99
N VAL B 51 25.27 12.02 -20.03
CA VAL B 51 24.49 11.77 -21.25
C VAL B 51 25.48 11.65 -22.41
N GLU B 52 26.74 11.40 -22.07
CA GLU B 52 27.82 11.27 -23.06
C GLU B 52 27.46 10.26 -24.14
N LYS B 53 27.02 9.08 -23.73
CA LYS B 53 26.66 8.02 -24.68
C LYS B 53 25.48 8.45 -25.53
N LEU B 54 24.46 9.02 -24.88
CA LEU B 54 23.28 9.47 -25.61
C LEU B 54 23.69 10.40 -26.74
N LYS B 55 24.52 11.38 -26.42
CA LYS B 55 24.99 12.34 -27.44
C LYS B 55 25.71 11.63 -28.59
N GLU B 56 26.65 10.76 -28.25
CA GLU B 56 27.39 10.02 -29.26
C GLU B 56 26.44 9.33 -30.24
N LEU B 57 25.46 8.61 -29.68
CA LEU B 57 24.50 7.89 -30.50
C LEU B 57 23.64 8.76 -31.42
N LEU B 58 23.22 9.94 -30.94
CA LEU B 58 22.40 10.83 -31.78
C LEU B 58 23.19 11.27 -33.02
N ARG B 59 24.46 11.62 -32.82
CA ARG B 59 25.31 12.04 -33.93
C ARG B 59 25.61 10.85 -34.85
N SER B 60 25.96 9.70 -34.25
CA SER B 60 26.26 8.49 -35.00
C SER B 60 25.09 8.10 -35.90
N GLN B 61 23.89 8.06 -35.33
CA GLN B 61 22.71 7.69 -36.10
C GLN B 61 22.21 8.86 -36.94
N SER B 62 22.84 10.02 -36.77
CA SER B 62 22.45 11.22 -37.52
C SER B 62 20.97 11.53 -37.34
N ILE B 63 20.52 11.63 -36.09
CA ILE B 63 19.13 11.94 -35.81
C ILE B 63 18.99 13.12 -34.84
N LEU B 64 19.95 14.03 -34.89
CA LEU B 64 19.96 15.22 -34.03
C LEU B 64 18.70 16.04 -34.25
N ASP B 65 18.29 16.11 -35.51
CA ASP B 65 17.10 16.84 -35.94
C ASP B 65 15.84 16.43 -35.15
N ALA B 66 15.50 15.15 -35.24
CA ALA B 66 14.33 14.61 -34.56
C ALA B 66 14.50 14.51 -33.05
N ALA B 67 15.74 14.38 -32.60
CA ALA B 67 16.00 14.28 -31.17
C ALA B 67 15.79 15.65 -30.55
N ARG B 68 15.99 16.69 -31.38
CA ARG B 68 15.82 18.07 -30.97
C ARG B 68 14.37 18.34 -30.69
N VAL B 70 11.94 16.10 -30.19
CA VAL B 70 11.45 15.30 -29.08
C VAL B 70 11.80 15.94 -27.74
N LEU B 71 13.06 16.35 -27.56
CA LEU B 71 13.49 16.94 -26.30
C LEU B 71 12.78 18.26 -26.00
N GLU B 72 12.61 19.07 -27.02
CA GLU B 72 11.95 20.36 -26.82
C GLU B 72 10.49 20.17 -26.53
N LYS B 73 9.88 19.21 -27.21
CA LYS B 73 8.47 18.94 -27.00
C LYS B 73 8.16 18.53 -25.54
N GLY B 74 9.02 17.68 -24.96
CA GLY B 74 8.78 17.25 -23.58
C GLY B 74 9.36 18.21 -22.55
N THR B 76 9.97 21.25 -20.01
CA THR B 76 9.16 22.02 -19.10
C THR B 76 10.06 23.10 -18.53
N GLU B 77 9.70 23.62 -17.36
CA GLU B 77 10.44 24.69 -16.71
C GLU B 77 11.93 24.37 -16.50
N ASN B 78 12.22 23.18 -15.99
CA ASN B 78 13.59 22.80 -15.73
C ASN B 78 13.90 21.35 -16.07
N ALA B 79 13.24 20.81 -17.08
CA ALA B 79 13.51 19.42 -17.40
C ALA B 79 12.83 19.01 -18.67
N THR B 80 13.13 17.80 -19.13
CA THR B 80 12.47 17.27 -20.29
C THR B 80 12.32 15.76 -20.10
N LYS B 81 11.31 15.18 -20.71
CA LYS B 81 11.16 13.74 -20.59
C LYS B 81 10.68 13.20 -21.92
N PHE B 82 10.99 11.94 -22.17
CA PHE B 82 10.63 11.29 -23.42
C PHE B 82 10.79 9.81 -23.19
N TYR B 83 10.41 9.02 -24.19
CA TYR B 83 10.50 7.56 -24.13
C TYR B 83 11.44 7.02 -25.21
N LEU B 84 12.18 5.97 -24.87
CA LEU B 84 13.08 5.33 -25.84
C LEU B 84 12.50 3.97 -26.21
N ASN B 85 12.48 3.66 -27.50
CA ASN B 85 11.97 2.37 -27.92
C ASN B 85 12.86 1.35 -27.21
N LYS B 86 12.24 0.40 -26.52
CA LYS B 86 12.97 -0.61 -25.76
C LYS B 86 13.73 -1.65 -26.58
N GLN B 87 13.14 -2.13 -27.67
CA GLN B 87 13.79 -3.14 -28.50
C GLN B 87 14.95 -2.54 -29.31
N ALA B 88 14.78 -1.29 -29.74
CA ALA B 88 15.81 -0.60 -30.51
C ALA B 88 17.03 -0.35 -29.62
N ALA B 89 16.75 0.06 -28.38
CA ALA B 89 17.80 0.33 -27.41
C ALA B 89 18.53 -0.97 -27.08
N TYR B 90 17.80 -2.08 -27.13
CA TYR B 90 18.38 -3.40 -26.84
C TYR B 90 19.52 -3.70 -27.80
N VAL B 91 19.42 -3.20 -29.02
CA VAL B 91 20.43 -3.41 -30.03
C VAL B 91 21.34 -2.19 -30.15
N GLY B 92 21.33 -1.34 -29.13
CA GLY B 92 22.18 -0.17 -29.14
C GLY B 92 21.72 1.02 -29.96
N ALA B 93 20.49 1.00 -30.48
CA ALA B 93 19.99 2.12 -31.26
C ALA B 93 18.97 2.96 -30.50
N VAL B 94 18.95 4.25 -30.81
CA VAL B 94 18.03 5.20 -30.21
C VAL B 94 16.84 5.35 -31.15
N ASN B 95 15.64 5.19 -30.59
CA ASN B 95 14.39 5.30 -31.34
C ASN B 95 13.41 5.92 -30.36
N PHE B 96 12.73 6.98 -30.77
CA PHE B 96 11.80 7.66 -29.87
C PHE B 96 10.35 7.15 -29.86
N ASP B 97 10.08 6.11 -30.63
CA ASP B 97 8.73 5.56 -30.66
C ASP B 97 8.60 4.44 -29.62
N ILE B 98 7.66 4.60 -28.69
CA ILE B 98 7.46 3.59 -27.65
C ILE B 98 7.20 2.23 -28.29
N ASP B 99 7.91 1.21 -27.81
CA ASP B 99 7.76 -0.14 -28.35
C ASP B 99 6.53 -0.81 -27.74
N THR B 100 6.26 -2.04 -28.17
CA THR B 100 5.11 -2.78 -27.67
C THR B 100 5.23 -3.19 -26.20
N HIS B 101 6.39 -2.93 -25.60
CA HIS B 101 6.58 -3.30 -24.19
C HIS B 101 6.80 -2.16 -23.19
N GLY B 102 6.31 -0.96 -23.51
CA GLY B 102 6.42 0.15 -22.58
C GLY B 102 7.57 1.12 -22.71
N GLY B 103 8.54 0.82 -23.56
CA GLY B 103 9.68 1.72 -23.73
C GLY B 103 10.45 2.06 -22.47
N ILE B 104 11.45 2.91 -22.64
CA ILE B 104 12.28 3.34 -21.54
C ILE B 104 11.97 4.81 -21.30
N PHE B 105 11.50 5.12 -20.09
CA PHE B 105 11.14 6.48 -19.69
C PHE B 105 12.38 7.24 -19.26
N VAL B 106 12.64 8.39 -19.86
CA VAL B 106 13.80 9.18 -19.48
C VAL B 106 13.44 10.60 -19.11
N LYS B 107 13.92 11.05 -17.96
CA LYS B 107 13.67 12.41 -17.54
C LYS B 107 14.99 13.12 -17.22
N ILE B 108 15.33 14.15 -17.99
CA ILE B 108 16.54 14.92 -17.75
C ILE B 108 16.16 16.15 -16.94
N LEU B 109 16.78 16.29 -15.77
CA LEU B 109 16.50 17.37 -14.84
C LEU B 109 17.70 18.30 -14.68
N ALA B 110 17.54 19.54 -15.13
CA ALA B 110 18.60 20.52 -15.04
C ALA B 110 18.75 20.91 -13.57
N ASP B 111 19.97 21.20 -13.14
CA ASP B 111 20.17 21.62 -11.76
C ASP B 111 19.66 23.06 -11.70
N GLU B 112 19.60 23.65 -10.51
CA GLU B 112 19.09 25.02 -10.35
C GLU B 112 19.91 26.09 -11.06
N ASN B 113 21.23 25.89 -11.16
CA ASN B 113 22.10 26.84 -11.82
C ASN B 113 22.27 26.43 -13.29
N GLU B 114 21.29 25.70 -13.82
CA GLU B 114 21.37 25.25 -15.21
C GLU B 114 20.10 25.61 -15.97
N ASP B 115 20.26 25.72 -17.28
CA ASP B 115 19.15 26.05 -18.18
C ASP B 115 18.85 24.82 -19.02
N ILE B 116 17.65 24.27 -18.83
CA ILE B 116 17.24 23.08 -19.55
C ILE B 116 17.35 23.23 -21.07
N LYS B 118 19.66 25.04 -22.66
CA LYS B 118 21.07 24.95 -22.99
C LYS B 118 21.47 23.47 -22.99
N ILE B 119 20.92 22.72 -22.04
CA ILE B 119 21.22 21.28 -21.94
C ILE B 119 20.77 20.61 -23.22
N ILE B 120 19.56 20.97 -23.66
CA ILE B 120 18.96 20.41 -24.87
C ILE B 120 19.84 20.68 -26.09
N LYS B 121 20.31 21.93 -26.21
CA LYS B 121 21.14 22.33 -27.34
C LYS B 121 22.49 21.62 -27.33
N ASP B 122 22.99 21.34 -26.13
CA ASP B 122 24.25 20.68 -25.97
C ASP B 122 24.13 19.19 -26.29
N ILE B 123 22.94 18.62 -26.08
CA ILE B 123 22.70 17.21 -26.36
C ILE B 123 22.41 16.98 -27.83
N ALA B 124 21.60 17.84 -28.42
CA ALA B 124 21.25 17.72 -29.83
C ALA B 124 21.45 19.07 -30.55
N PRO B 125 22.71 19.51 -30.69
CA PRO B 125 23.05 20.79 -31.35
C PRO B 125 22.43 20.90 -32.73
N LEU C 2 -24.19 3.59 50.18
CA LEU C 2 -23.40 3.89 48.94
C LEU C 2 -22.55 2.71 48.52
N GLU C 3 -22.62 2.39 47.24
CA GLU C 3 -21.83 1.31 46.65
C GLU C 3 -21.35 1.90 45.33
N VAL C 4 -20.04 1.91 45.09
CA VAL C 4 -19.53 2.46 43.84
C VAL C 4 -18.99 1.36 42.93
N ILE C 5 -19.51 1.32 41.72
CA ILE C 5 -19.09 0.34 40.72
C ILE C 5 -18.18 1.02 39.69
N ILE C 6 -16.94 0.53 39.59
CA ILE C 6 -15.96 1.09 38.67
C ILE C 6 -15.55 0.12 37.57
N LYS C 7 -15.50 0.59 36.33
CA LYS C 7 -15.07 -0.23 35.19
C LYS C 7 -14.22 0.60 34.22
N ALA C 8 -13.08 0.06 33.84
CA ALA C 8 -12.20 0.75 32.89
C ALA C 8 -11.60 -0.29 31.94
N LYS C 9 -11.58 0.05 30.66
CA LYS C 9 -11.01 -0.84 29.66
C LYS C 9 -9.51 -0.54 29.52
N VAL C 10 -8.75 -1.55 29.09
CA VAL C 10 -7.32 -1.40 28.88
C VAL C 10 -7.02 -1.90 27.47
N LYS C 11 -6.64 -0.98 26.59
CA LYS C 11 -6.34 -1.33 25.21
C LYS C 11 -4.94 -1.94 25.09
N PRO C 12 -4.65 -2.55 23.94
CA PRO C 12 -3.32 -3.15 23.74
C PRO C 12 -2.16 -2.20 24.03
N THR C 13 -2.26 -0.94 23.58
CA THR C 13 -1.16 0.02 23.79
C THR C 13 -1.12 0.65 25.17
N GLU C 14 -2.07 0.31 26.04
CA GLU C 14 -2.08 0.86 27.39
C GLU C 14 -1.31 0.03 28.41
N ASP C 15 -0.97 0.68 29.52
CA ASP C 15 -0.27 0.06 30.64
C ASP C 15 -1.37 -0.18 31.67
N LYS C 16 -1.73 -1.44 31.89
CA LYS C 16 -2.83 -1.76 32.82
C LYS C 16 -2.69 -1.08 34.16
N TYR C 17 -1.44 -0.91 34.61
CA TYR C 17 -1.17 -0.30 35.89
C TYR C 17 -1.26 1.22 35.92
N LYS C 18 -1.13 1.86 34.75
CA LYS C 18 -1.27 3.31 34.69
C LYS C 18 -2.77 3.54 34.74
N VAL C 19 -3.53 2.63 34.13
CA VAL C 19 -4.99 2.72 34.14
C VAL C 19 -5.45 2.54 35.58
N LYS C 20 -4.88 1.54 36.26
CA LYS C 20 -5.24 1.27 37.65
C LYS C 20 -4.99 2.50 38.50
N LYS C 21 -3.83 3.11 38.31
CA LYS C 21 -3.47 4.32 39.06
C LYS C 21 -4.47 5.44 38.81
N ALA C 22 -4.90 5.58 37.55
CA ALA C 22 -5.87 6.61 37.20
C ALA C 22 -7.11 6.43 38.06
N ILE C 23 -7.57 5.18 38.16
CA ILE C 23 -8.76 4.87 38.95
C ILE C 23 -8.56 5.23 40.40
N LEU C 24 -7.53 4.67 41.00
CA LEU C 24 -7.22 4.91 42.41
C LEU C 24 -7.06 6.39 42.73
N ASN C 25 -6.44 7.15 41.82
CA ASN C 25 -6.27 8.57 42.07
C ASN C 25 -7.58 9.19 42.50
N ILE C 26 -8.67 8.64 41.99
CA ILE C 26 -10.00 9.17 42.31
C ILE C 26 -10.78 8.36 43.33
N PHE C 27 -10.56 7.04 43.34
CA PHE C 27 -11.22 6.12 44.26
C PHE C 27 -10.14 5.27 44.91
N PRO C 28 -9.36 5.88 45.82
CA PRO C 28 -8.26 5.26 46.55
C PRO C 28 -8.62 3.98 47.31
N LYS C 29 -9.89 3.89 47.73
CA LYS C 29 -10.37 2.74 48.50
C LYS C 29 -10.83 1.55 47.65
N ALA C 30 -10.93 1.73 46.35
CA ALA C 30 -11.42 0.66 45.48
C ALA C 30 -10.67 -0.67 45.52
N LYS C 31 -11.43 -1.76 45.50
CA LYS C 31 -10.86 -3.11 45.46
C LYS C 31 -10.96 -3.42 43.98
N LEU C 32 -9.80 -3.48 43.32
CA LEU C 32 -9.77 -3.69 41.87
C LEU C 32 -9.19 -5.03 41.40
N THR C 33 -9.82 -5.59 40.37
CA THR C 33 -9.36 -6.84 39.80
C THR C 33 -9.32 -6.68 38.28
N PHE C 34 -8.28 -7.25 37.66
CA PHE C 34 -8.07 -7.17 36.22
C PHE C 34 -8.47 -8.43 35.46
N ILE C 35 -9.24 -8.25 34.39
CA ILE C 35 -9.66 -9.37 33.57
C ILE C 35 -8.98 -9.25 32.21
N GLU C 36 -8.37 -10.35 31.79
CA GLU C 36 -7.68 -10.42 30.51
C GLU C 36 -8.67 -10.74 29.41
N LYS C 37 -8.38 -10.29 28.20
CA LYS C 37 -9.24 -10.53 27.06
C LYS C 37 -8.44 -10.90 25.82
N ASP C 38 -9.13 -11.01 24.70
CA ASP C 38 -8.50 -11.35 23.43
C ASP C 38 -7.78 -10.18 22.78
N ASN C 39 -6.81 -10.51 21.92
CA ASN C 39 -6.03 -9.53 21.19
C ASN C 39 -5.41 -8.42 22.04
N GLU C 40 -4.88 -8.80 23.20
CA GLU C 40 -4.23 -7.87 24.11
C GLU C 40 -5.14 -6.85 24.83
N PHE C 41 -6.45 -7.03 24.76
CA PHE C 41 -7.34 -6.11 25.46
C PHE C 41 -7.50 -6.60 26.89
N GLY C 42 -7.98 -5.72 27.77
CA GLY C 42 -8.18 -6.08 29.17
C GLY C 42 -9.13 -5.10 29.84
N GLU C 43 -9.50 -5.38 31.09
CA GLU C 43 -10.40 -4.48 31.84
C GLU C 43 -10.23 -4.57 33.35
N TRP C 44 -10.55 -3.46 34.02
CA TRP C 44 -10.50 -3.36 35.47
C TRP C 44 -11.93 -3.24 35.98
N GLU C 45 -12.27 -4.00 37.01
CA GLU C 45 -13.60 -3.91 37.61
C GLU C 45 -13.31 -3.73 39.08
N GLY C 46 -13.87 -2.69 39.68
CA GLY C 46 -13.62 -2.46 41.08
C GLY C 46 -14.84 -1.97 41.79
N LYS C 47 -14.75 -1.87 43.10
CA LYS C 47 -15.85 -1.41 43.92
C LYS C 47 -15.27 -0.70 45.12
N THR C 48 -16.01 0.26 45.65
CA THR C 48 -15.60 1.01 46.83
C THR C 48 -16.85 1.59 47.48
N LYS C 49 -16.73 2.00 48.74
CA LYS C 49 -17.85 2.58 49.49
C LYS C 49 -17.54 4.03 49.83
N SER C 50 -16.34 4.48 49.44
CA SER C 50 -15.87 5.83 49.73
C SER C 50 -15.81 6.79 48.53
N VAL C 51 -16.57 7.87 48.62
CA VAL C 51 -16.60 8.89 47.57
C VAL C 51 -15.92 10.16 48.11
N GLU C 52 -15.17 10.00 49.19
CA GLU C 52 -14.47 11.09 49.85
C GLU C 52 -13.43 11.81 48.99
N LYS C 53 -12.53 11.03 48.39
CA LYS C 53 -11.51 11.63 47.53
C LYS C 53 -12.20 12.38 46.40
N LEU C 54 -13.22 11.76 45.81
CA LEU C 54 -13.96 12.39 44.74
C LEU C 54 -14.52 13.73 45.21
N LYS C 55 -15.19 13.71 46.36
CA LYS C 55 -15.76 14.94 46.94
C LYS C 55 -14.66 15.95 47.12
N GLU C 56 -13.55 15.51 47.71
CA GLU C 56 -12.41 16.37 47.97
C GLU C 56 -11.88 17.02 46.69
N LEU C 57 -11.97 16.31 45.58
CA LEU C 57 -11.48 16.84 44.31
C LEU C 57 -12.44 17.82 43.66
N LEU C 58 -13.74 17.49 43.65
CA LEU C 58 -14.72 18.38 43.05
C LEU C 58 -14.61 19.75 43.73
N ARG C 59 -14.40 19.73 45.03
CA ARG C 59 -14.27 20.96 45.80
C ARG C 59 -12.92 21.62 45.49
N SER C 60 -11.84 20.90 45.73
CA SER C 60 -10.50 21.42 45.50
C SER C 60 -10.28 21.89 44.05
N GLN C 61 -11.17 21.49 43.15
CA GLN C 61 -11.07 21.87 41.73
C GLN C 61 -12.16 22.85 41.33
N SER C 62 -13.00 23.22 42.28
CA SER C 62 -14.10 24.16 42.04
C SER C 62 -14.91 23.81 40.80
N ILE C 63 -15.45 22.59 40.78
CA ILE C 63 -16.28 22.12 39.66
C ILE C 63 -17.52 21.41 40.18
N LEU C 64 -17.92 21.75 41.40
CA LEU C 64 -19.08 21.16 42.06
C LEU C 64 -20.35 21.25 41.21
N ASP C 65 -20.60 22.42 40.65
CA ASP C 65 -21.78 22.63 39.81
C ASP C 65 -21.70 21.81 38.53
N ALA C 66 -20.52 21.80 37.92
CA ALA C 66 -20.31 21.05 36.69
C ALA C 66 -20.62 19.57 36.96
N ALA C 67 -20.12 19.09 38.10
CA ALA C 67 -20.33 17.70 38.51
C ALA C 67 -21.81 17.46 38.79
N ARG C 68 -22.41 18.37 39.55
CA ARG C 68 -23.82 18.29 39.92
C ARG C 68 -24.68 18.02 38.69
N VAL C 70 -23.67 16.69 35.70
CA VAL C 70 -23.43 15.40 35.06
C VAL C 70 -24.10 14.29 35.88
N LEU C 71 -24.06 14.43 37.19
CA LEU C 71 -24.64 13.46 38.10
C LEU C 71 -26.15 13.34 37.93
N GLU C 72 -26.84 14.45 37.75
CA GLU C 72 -28.29 14.41 37.58
C GLU C 72 -28.65 13.86 36.21
N ALA C 79 -29.86 5.47 41.61
CA ALA C 79 -28.44 5.47 41.29
C ALA C 79 -28.10 6.37 40.11
N THR C 80 -26.81 6.67 39.96
CA THR C 80 -26.35 7.50 38.84
C THR C 80 -25.07 6.95 38.23
N LYS C 81 -24.93 7.10 36.92
CA LYS C 81 -23.77 6.60 36.19
C LYS C 81 -23.20 7.68 35.28
N PHE C 82 -21.88 7.77 35.26
CA PHE C 82 -21.18 8.77 34.45
C PHE C 82 -19.78 8.26 34.10
N TYR C 83 -19.07 9.05 33.28
CA TYR C 83 -17.73 8.72 32.84
C TYR C 83 -16.68 9.77 33.19
N LEU C 84 -15.55 9.31 33.68
CA LEU C 84 -14.45 10.20 34.01
C LEU C 84 -13.39 10.02 32.93
N ASN C 85 -12.71 11.10 32.59
CA ASN C 85 -11.66 11.06 31.58
C ASN C 85 -10.44 10.38 32.20
N LYS C 86 -10.07 9.23 31.66
CA LYS C 86 -8.92 8.47 32.16
C LYS C 86 -7.63 9.25 32.23
N GLN C 87 -7.31 9.94 31.15
CA GLN C 87 -6.07 10.71 31.10
C GLN C 87 -6.02 11.81 32.16
N ALA C 88 -7.15 12.45 32.44
CA ALA C 88 -7.16 13.48 33.47
C ALA C 88 -7.01 12.80 34.83
N ALA C 89 -7.70 11.69 35.03
CA ALA C 89 -7.62 10.97 36.29
C ALA C 89 -6.17 10.53 36.56
N TYR C 90 -5.43 10.27 35.49
CA TYR C 90 -4.05 9.83 35.63
C TYR C 90 -3.18 10.86 36.34
N VAL C 91 -3.37 12.13 36.01
CA VAL C 91 -2.59 13.19 36.63
C VAL C 91 -3.31 13.75 37.87
N GLY C 92 -4.27 12.99 38.37
CA GLY C 92 -5.00 13.38 39.56
C GLY C 92 -6.12 14.41 39.37
N ALA C 93 -6.75 14.44 38.20
CA ALA C 93 -7.81 15.41 37.95
C ALA C 93 -9.14 14.76 37.57
N VAL C 94 -10.23 15.37 38.03
CA VAL C 94 -11.58 14.89 37.73
C VAL C 94 -12.06 15.63 36.49
N ASN C 95 -12.46 14.89 35.46
CA ASN C 95 -12.96 15.47 34.22
C ASN C 95 -14.04 14.59 33.63
N PHE C 96 -15.06 15.22 33.06
CA PHE C 96 -16.19 14.49 32.49
C PHE C 96 -16.26 14.37 30.96
N ASP C 97 -15.54 15.22 30.24
CA ASP C 97 -15.60 15.14 28.77
C ASP C 97 -14.67 14.09 28.16
N GLY C 102 -12.62 5.80 26.10
CA GLY C 102 -13.88 5.37 26.68
C GLY C 102 -14.08 6.00 28.05
N GLY C 103 -13.00 6.05 28.83
CA GLY C 103 -13.03 6.63 30.16
C GLY C 103 -13.35 5.65 31.27
N ILE C 104 -13.35 6.15 32.50
CA ILE C 104 -13.64 5.32 33.64
C ILE C 104 -15.13 5.37 33.91
N PHE C 105 -15.77 4.22 33.76
CA PHE C 105 -17.20 4.12 34.01
C PHE C 105 -17.41 4.10 35.52
N VAL C 106 -18.31 4.96 36.00
CA VAL C 106 -18.59 5.02 37.42
C VAL C 106 -20.09 4.98 37.65
N LYS C 107 -20.52 4.15 38.60
CA LYS C 107 -21.93 4.08 38.92
C LYS C 107 -22.10 4.08 40.42
N ILE C 108 -22.71 5.15 40.92
CA ILE C 108 -22.97 5.26 42.35
C ILE C 108 -24.42 4.83 42.53
N LEU C 109 -24.64 3.82 43.36
CA LEU C 109 -26.00 3.38 43.60
C LEU C 109 -26.33 3.35 45.08
N ALA C 110 -27.34 4.12 45.45
CA ALA C 110 -27.79 4.22 46.83
C ALA C 110 -28.58 2.98 47.19
N ASP C 111 -28.29 2.38 48.34
CA ASP C 111 -29.01 1.20 48.78
C ASP C 111 -30.51 1.49 48.83
N GLU C 112 -31.30 0.43 48.99
CA GLU C 112 -32.74 0.56 49.06
C GLU C 112 -33.23 1.61 50.05
N ASN C 113 -32.52 1.78 51.15
CA ASN C 113 -32.91 2.74 52.17
C ASN C 113 -32.29 4.13 52.09
N GLU C 114 -31.92 4.54 50.87
CA GLU C 114 -31.34 5.86 50.64
C GLU C 114 -31.88 6.46 49.36
N ASP C 115 -31.76 7.77 49.23
CA ASP C 115 -32.21 8.48 48.03
C ASP C 115 -30.96 8.95 47.28
N ILE C 116 -30.82 8.52 46.04
CA ILE C 116 -29.67 8.89 45.23
C ILE C 116 -29.46 10.40 45.23
N LYS C 118 -30.11 12.68 47.42
CA LYS C 118 -29.46 13.16 48.64
C LYS C 118 -27.97 12.83 48.59
N ILE C 119 -27.62 11.73 47.93
CA ILE C 119 -26.23 11.35 47.78
C ILE C 119 -25.57 12.37 46.86
N ILE C 120 -26.31 12.75 45.82
CA ILE C 120 -25.85 13.72 44.83
C ILE C 120 -25.55 15.08 45.44
N LYS C 121 -26.38 15.50 46.39
CA LYS C 121 -26.21 16.79 47.04
C LYS C 121 -25.10 16.77 48.07
N ASP C 122 -24.78 15.61 48.61
CA ASP C 122 -23.70 15.50 49.57
C ASP C 122 -22.38 15.52 48.78
N ILE C 123 -22.43 14.99 47.57
CA ILE C 123 -21.27 14.93 46.67
C ILE C 123 -21.06 16.23 45.91
N ALA C 124 -22.10 16.68 45.23
CA ALA C 124 -22.04 17.92 44.45
C ALA C 124 -23.04 18.95 44.98
N PRO C 125 -22.68 19.66 46.06
CA PRO C 125 -23.57 20.67 46.66
C PRO C 125 -23.94 21.80 45.69
N LEU D 2 -12.52 -31.03 -32.57
CA LEU D 2 -12.01 -29.82 -31.89
C LEU D 2 -10.48 -29.81 -31.79
N GLU D 3 -9.87 -28.76 -32.33
CA GLU D 3 -8.43 -28.62 -32.27
C GLU D 3 -8.06 -27.16 -32.06
N VAL D 4 -7.14 -26.91 -31.13
CA VAL D 4 -6.72 -25.56 -30.81
C VAL D 4 -5.36 -25.19 -31.43
N ILE D 5 -5.34 -24.15 -32.26
CA ILE D 5 -4.11 -23.68 -32.87
C ILE D 5 -3.62 -22.50 -32.03
N ILE D 6 -2.33 -22.51 -31.68
CA ILE D 6 -1.74 -21.49 -30.83
C ILE D 6 -0.50 -20.81 -31.43
N LYS D 7 -0.44 -19.49 -31.35
CA LYS D 7 0.70 -18.73 -31.87
C LYS D 7 1.01 -17.55 -30.95
N ALA D 8 2.29 -17.31 -30.70
CA ALA D 8 2.72 -16.19 -29.86
C ALA D 8 4.16 -15.82 -30.21
N LYS D 9 4.36 -14.56 -30.55
CA LYS D 9 5.69 -14.11 -30.90
C LYS D 9 6.52 -13.77 -29.69
N VAL D 10 7.81 -13.66 -29.92
CA VAL D 10 8.76 -13.35 -28.87
C VAL D 10 9.55 -12.13 -29.31
N LYS D 11 9.64 -11.15 -28.43
CA LYS D 11 10.37 -9.93 -28.71
C LYS D 11 11.78 -10.08 -28.17
N PRO D 12 12.72 -9.26 -28.66
CA PRO D 12 14.12 -9.28 -28.24
C PRO D 12 14.35 -9.17 -26.73
N THR D 13 13.50 -8.43 -26.03
CA THR D 13 13.66 -8.29 -24.58
C THR D 13 12.97 -9.41 -23.81
N GLU D 14 12.13 -10.18 -24.50
CA GLU D 14 11.46 -11.29 -23.84
C GLU D 14 12.33 -12.55 -23.79
N ASP D 15 11.91 -13.46 -22.93
CA ASP D 15 12.56 -14.75 -22.73
C ASP D 15 11.59 -15.74 -23.40
N LYS D 16 12.00 -16.34 -24.50
CA LYS D 16 11.11 -17.27 -25.20
C LYS D 16 10.55 -18.39 -24.33
N TYR D 17 11.32 -18.88 -23.37
CA TYR D 17 10.83 -19.96 -22.54
C TYR D 17 9.77 -19.48 -21.57
N LYS D 18 9.80 -18.20 -21.22
CA LYS D 18 8.79 -17.65 -20.34
C LYS D 18 7.49 -17.60 -21.13
N VAL D 19 7.60 -17.26 -22.41
CA VAL D 19 6.42 -17.21 -23.28
C VAL D 19 5.87 -18.63 -23.45
N LYS D 20 6.77 -19.60 -23.53
CA LYS D 20 6.37 -20.99 -23.68
C LYS D 20 5.61 -21.40 -22.42
N LYS D 21 6.12 -20.99 -21.27
CA LYS D 21 5.47 -21.31 -20.01
C LYS D 21 4.08 -20.66 -19.97
N ALA D 22 3.97 -19.45 -20.51
CA ALA D 22 2.69 -18.73 -20.53
C ALA D 22 1.66 -19.58 -21.25
N ILE D 23 2.05 -20.06 -22.42
CA ILE D 23 1.16 -20.89 -23.24
C ILE D 23 0.76 -22.17 -22.49
N LEU D 24 1.74 -22.85 -21.92
CA LEU D 24 1.48 -24.08 -21.21
C LEU D 24 0.59 -23.94 -19.97
N ASN D 25 0.61 -22.78 -19.32
CA ASN D 25 -0.25 -22.57 -18.15
C ASN D 25 -1.72 -22.71 -18.51
N ILE D 26 -2.07 -22.40 -19.76
CA ILE D 26 -3.47 -22.48 -20.21
C ILE D 26 -3.79 -23.71 -21.08
N PHE D 27 -2.77 -24.22 -21.78
CA PHE D 27 -2.90 -25.39 -22.67
C PHE D 27 -1.75 -26.34 -22.35
N PRO D 28 -1.81 -27.02 -21.20
CA PRO D 28 -0.80 -27.96 -20.72
C PRO D 28 -0.44 -29.12 -21.65
N LYS D 29 -1.41 -29.56 -22.45
CA LYS D 29 -1.21 -30.68 -23.37
C LYS D 29 -0.73 -30.23 -24.75
N ALA D 30 -0.48 -28.93 -24.88
CA ALA D 30 -0.04 -28.39 -26.16
C ALA D 30 1.34 -28.86 -26.53
N LYS D 31 1.52 -29.14 -27.82
CA LYS D 31 2.80 -29.58 -28.36
C LYS D 31 3.27 -28.36 -29.15
N LEU D 32 4.29 -27.69 -28.65
CA LEU D 32 4.79 -26.46 -29.29
C LEU D 32 6.16 -26.50 -29.95
N THR D 33 6.28 -25.78 -31.06
CA THR D 33 7.53 -25.69 -31.80
C THR D 33 7.87 -24.20 -31.93
N PHE D 34 9.11 -23.84 -31.63
CA PHE D 34 9.56 -22.46 -31.70
C PHE D 34 10.14 -22.20 -33.09
N ILE D 35 9.86 -21.03 -33.65
CA ILE D 35 10.39 -20.67 -34.96
C ILE D 35 11.33 -19.49 -34.77
N GLU D 36 12.62 -19.75 -34.94
CA GLU D 36 13.63 -18.71 -34.79
C GLU D 36 13.62 -17.71 -35.93
N LYS D 37 13.91 -16.46 -35.60
CA LYS D 37 13.98 -15.39 -36.58
C LYS D 37 15.22 -14.59 -36.25
N ASP D 38 15.53 -13.59 -37.07
CA ASP D 38 16.72 -12.79 -36.85
C ASP D 38 16.54 -11.75 -35.76
N ASN D 39 17.67 -11.40 -35.16
CA ASN D 39 17.71 -10.39 -34.10
C ASN D 39 16.89 -10.78 -32.87
N GLU D 40 17.09 -12.02 -32.42
CA GLU D 40 16.41 -12.55 -31.26
C GLU D 40 14.88 -12.43 -31.25
N PHE D 41 14.29 -12.33 -32.44
CA PHE D 41 12.83 -12.29 -32.56
C PHE D 41 12.45 -13.74 -32.74
N GLY D 42 11.21 -14.09 -32.43
CA GLY D 42 10.78 -15.46 -32.60
C GLY D 42 9.28 -15.61 -32.47
N GLU D 43 8.81 -16.86 -32.58
CA GLU D 43 7.39 -17.13 -32.46
C GLU D 43 7.15 -18.58 -32.10
N TRP D 44 6.20 -18.81 -31.19
CA TRP D 44 5.85 -20.15 -30.81
C TRP D 44 4.59 -20.56 -31.57
N GLU D 45 4.53 -21.82 -31.98
CA GLU D 45 3.39 -22.37 -32.68
C GLU D 45 3.04 -23.69 -32.01
N GLY D 46 1.75 -23.97 -31.88
CA GLY D 46 1.38 -25.21 -31.23
C GLY D 46 -0.06 -25.60 -31.43
N LYS D 47 -0.35 -26.84 -31.09
CA LYS D 47 -1.70 -27.37 -31.22
C LYS D 47 -2.04 -28.26 -30.04
N THR D 48 -3.33 -28.43 -29.80
CA THR D 48 -3.82 -29.28 -28.72
C THR D 48 -5.26 -29.60 -29.04
N LYS D 49 -5.76 -30.67 -28.44
CA LYS D 49 -7.13 -31.11 -28.62
C LYS D 49 -7.82 -31.04 -27.27
N SER D 50 -7.08 -30.53 -26.28
CA SER D 50 -7.57 -30.41 -24.91
C SER D 50 -7.74 -28.97 -24.39
N VAL D 51 -8.94 -28.66 -23.92
CA VAL D 51 -9.22 -27.34 -23.37
C VAL D 51 -9.76 -27.42 -21.96
N GLU D 52 -9.31 -28.44 -21.23
CA GLU D 52 -9.70 -28.67 -19.84
C GLU D 52 -9.32 -27.50 -18.94
N LYS D 53 -8.05 -27.13 -18.98
CA LYS D 53 -7.54 -26.05 -18.14
C LYS D 53 -8.29 -24.75 -18.44
N LEU D 54 -8.40 -24.40 -19.72
CA LEU D 54 -9.10 -23.20 -20.13
C LEU D 54 -10.51 -23.17 -19.54
N LYS D 55 -11.21 -24.30 -19.64
CA LYS D 55 -12.58 -24.43 -19.11
C LYS D 55 -12.58 -24.21 -17.60
N GLU D 56 -11.61 -24.85 -16.94
CA GLU D 56 -11.47 -24.75 -15.49
C GLU D 56 -11.26 -23.31 -15.05
N LEU D 57 -10.35 -22.62 -15.73
CA LEU D 57 -10.03 -21.24 -15.42
C LEU D 57 -11.17 -20.26 -15.68
N LEU D 58 -11.96 -20.50 -16.72
CA LEU D 58 -13.07 -19.61 -17.02
C LEU D 58 -14.05 -19.64 -15.85
N ARG D 59 -14.20 -20.84 -15.28
CA ARG D 59 -15.09 -21.04 -14.15
C ARG D 59 -14.49 -20.43 -12.90
N SER D 60 -13.26 -20.84 -12.55
CA SER D 60 -12.58 -20.32 -11.36
C SER D 60 -12.50 -18.80 -11.32
N GLN D 61 -12.52 -18.17 -12.49
CA GLN D 61 -12.42 -16.71 -12.55
C GLN D 61 -13.77 -16.01 -12.68
N SER D 62 -14.83 -16.78 -12.91
CA SER D 62 -16.17 -16.23 -13.05
C SER D 62 -16.27 -15.22 -14.21
N ILE D 63 -15.81 -15.63 -15.39
CA ILE D 63 -15.85 -14.77 -16.57
C ILE D 63 -16.45 -15.54 -17.74
N LEU D 64 -17.37 -16.45 -17.45
CA LEU D 64 -18.01 -17.25 -18.47
C LEU D 64 -18.76 -16.35 -19.46
N ASP D 65 -19.43 -15.33 -18.94
CA ASP D 65 -20.17 -14.38 -19.76
C ASP D 65 -19.22 -13.64 -20.70
N ALA D 66 -18.12 -13.15 -20.13
CA ALA D 66 -17.11 -12.43 -20.90
C ALA D 66 -16.57 -13.39 -21.95
N ALA D 67 -16.12 -14.57 -21.49
CA ALA D 67 -15.57 -15.58 -22.37
C ALA D 67 -16.51 -15.88 -23.54
N ARG D 68 -17.73 -16.26 -23.21
CA ARG D 68 -18.73 -16.57 -24.24
C ARG D 68 -18.77 -15.48 -25.31
N VAL D 70 -16.60 -13.14 -26.09
CA VAL D 70 -15.37 -13.06 -26.87
C VAL D 70 -15.23 -14.22 -27.86
N LEU D 71 -15.62 -15.42 -27.44
CA LEU D 71 -15.54 -16.58 -28.33
C LEU D 71 -16.54 -16.44 -29.47
N GLU D 72 -17.71 -15.90 -29.15
CA GLU D 72 -18.75 -15.74 -30.16
C GLU D 72 -18.47 -14.55 -31.07
N LYS D 73 -17.76 -13.56 -30.55
CA LYS D 73 -17.44 -12.36 -31.33
C LYS D 73 -16.49 -12.70 -32.50
N GLY D 74 -15.46 -13.49 -32.23
CA GLY D 74 -14.51 -13.85 -33.27
C GLY D 74 -14.83 -15.19 -33.93
N THR D 76 -16.35 -17.72 -36.80
CA THR D 76 -16.48 -17.77 -38.25
C THR D 76 -17.33 -18.98 -38.61
N GLU D 77 -17.04 -19.60 -39.75
CA GLU D 77 -17.79 -20.78 -40.18
C GLU D 77 -17.79 -21.80 -39.05
N ASN D 78 -16.79 -22.68 -39.06
CA ASN D 78 -16.67 -23.71 -38.03
C ASN D 78 -15.41 -23.45 -37.20
N ALA D 79 -15.31 -22.25 -36.63
CA ALA D 79 -14.15 -21.90 -35.82
C ALA D 79 -14.29 -20.52 -35.19
N THR D 80 -13.44 -20.27 -34.20
CA THR D 80 -13.41 -18.98 -33.52
C THR D 80 -11.95 -18.64 -33.18
N LYS D 81 -11.64 -17.35 -33.21
CA LYS D 81 -10.30 -16.90 -32.89
C LYS D 81 -10.35 -15.75 -31.91
N PHE D 82 -9.40 -15.73 -30.98
CA PHE D 82 -9.31 -14.69 -29.97
C PHE D 82 -7.88 -14.60 -29.44
N TYR D 83 -7.64 -13.62 -28.57
CA TYR D 83 -6.31 -13.42 -28.00
C TYR D 83 -6.35 -13.47 -26.49
N LEU D 84 -5.29 -14.03 -25.92
CA LEU D 84 -5.17 -14.09 -24.48
C LEU D 84 -4.00 -13.20 -24.08
N ASN D 85 -4.08 -12.61 -22.90
CA ASN D 85 -3.04 -11.74 -22.41
C ASN D 85 -1.87 -12.60 -21.96
N LYS D 86 -0.75 -12.39 -22.63
CA LYS D 86 0.48 -13.13 -22.38
C LYS D 86 0.99 -13.02 -20.95
N GLN D 87 0.91 -11.82 -20.37
CA GLN D 87 1.41 -11.59 -19.02
C GLN D 87 0.52 -12.23 -17.95
N ALA D 88 -0.78 -12.31 -18.21
CA ALA D 88 -1.69 -12.96 -17.26
C ALA D 88 -1.47 -14.48 -17.37
N ALA D 89 -1.40 -14.97 -18.61
CA ALA D 89 -1.18 -16.40 -18.83
C ALA D 89 0.05 -16.88 -18.06
N TYR D 90 1.08 -16.04 -18.02
CA TYR D 90 2.32 -16.40 -17.33
C TYR D 90 2.08 -16.64 -15.84
N VAL D 91 0.97 -16.10 -15.31
CA VAL D 91 0.66 -16.32 -13.90
C VAL D 91 -0.60 -17.17 -13.72
N GLY D 92 -0.96 -17.92 -14.77
CA GLY D 92 -2.12 -18.79 -14.72
C GLY D 92 -3.48 -18.12 -14.80
N ALA D 93 -3.54 -16.88 -15.26
CA ALA D 93 -4.81 -16.19 -15.37
C ALA D 93 -5.26 -16.01 -16.82
N VAL D 94 -6.57 -16.03 -17.02
CA VAL D 94 -7.15 -15.85 -18.35
C VAL D 94 -7.64 -14.42 -18.50
N ASN D 95 -7.09 -13.73 -19.48
CA ASN D 95 -7.46 -12.35 -19.76
C ASN D 95 -7.51 -12.25 -21.26
N PHE D 96 -8.54 -11.57 -21.79
CA PHE D 96 -8.69 -11.45 -23.23
C PHE D 96 -8.12 -10.22 -23.94
N ASP D 97 -7.41 -9.36 -23.20
CA ASP D 97 -6.83 -8.18 -23.82
C ASP D 97 -5.58 -8.51 -24.63
N GLY D 102 1.96 -8.72 -27.55
CA GLY D 102 1.27 -9.32 -28.68
C GLY D 102 0.17 -10.28 -28.26
N GLY D 103 0.29 -10.81 -27.05
CA GLY D 103 -0.70 -11.74 -26.55
C GLY D 103 -0.61 -13.11 -27.18
N ILE D 104 -1.41 -14.04 -26.67
CA ILE D 104 -1.41 -15.38 -27.20
C ILE D 104 -2.57 -15.53 -28.18
N PHE D 105 -2.26 -15.65 -29.47
CA PHE D 105 -3.30 -15.84 -30.48
C PHE D 105 -3.80 -17.29 -30.34
N VAL D 106 -5.12 -17.47 -30.31
CA VAL D 106 -5.73 -18.79 -30.16
C VAL D 106 -6.88 -18.99 -31.15
N LYS D 107 -6.90 -20.15 -31.81
CA LYS D 107 -7.98 -20.46 -32.74
C LYS D 107 -8.51 -21.86 -32.49
N ILE D 108 -9.83 -21.99 -32.49
CA ILE D 108 -10.48 -23.27 -32.27
C ILE D 108 -11.26 -23.65 -33.52
N LEU D 109 -10.97 -24.84 -34.04
CA LEU D 109 -11.63 -25.34 -35.23
C LEU D 109 -12.18 -26.74 -35.03
N ILE D 119 -19.48 -26.16 -29.40
CA ILE D 119 -18.18 -26.20 -28.72
C ILE D 119 -18.03 -24.99 -27.79
N ILE D 120 -18.46 -23.83 -28.25
CA ILE D 120 -18.36 -22.61 -27.45
C ILE D 120 -19.19 -22.73 -26.16
N LYS D 121 -20.44 -23.15 -26.30
CA LYS D 121 -21.33 -23.30 -25.14
C LYS D 121 -20.77 -24.29 -24.11
N ASP D 122 -20.01 -25.27 -24.59
CA ASP D 122 -19.41 -26.27 -23.72
C ASP D 122 -18.29 -25.66 -22.90
N ILE D 123 -17.39 -24.96 -23.57
CA ILE D 123 -16.27 -24.32 -22.89
C ILE D 123 -16.72 -23.22 -21.94
N ALA D 124 -17.77 -22.49 -22.33
CA ALA D 124 -18.30 -21.41 -21.52
C ALA D 124 -19.80 -21.58 -21.26
N PRO D 125 -20.16 -22.49 -20.34
CA PRO D 125 -21.55 -22.77 -19.99
C PRO D 125 -22.23 -21.59 -19.26
#